data_2VBB
#
_entry.id   2VBB
#
_cell.length_a   46.655
_cell.length_b   71.041
_cell.length_c   100.763
_cell.angle_alpha   90.00
_cell.angle_beta   90.00
_cell.angle_gamma   90.00
#
_symmetry.space_group_name_H-M   'P 21 21 21'
#
loop_
_entity.id
_entity.type
_entity.pdbx_description
1 polymer 'ISOPENICILLIN N SYNTHETASE'
2 non-polymer N^6^-{(1R)-2-{[(1S,2R)-1-carboxy-2-hydroxy-2-(methylsulfanyl)ethyl]oxy}-1-[(oxidosulfanyl)methyl]-2-oxoethyl}-6-oxo-L-lysine
3 non-polymer 'FE (II) ION'
4 non-polymer 'SULFATE ION'
5 non-polymer GLYCEROL
6 water water
#
_entity_poly.entity_id   1
_entity_poly.type   'polypeptide(L)'
_entity_poly.pdbx_seq_one_letter_code
;MGSVSKANVPKIDVSPLFGDDQAAKMRVAQQIDAASRDTGFFYAVNHGINVQRLSQKTKEFHMSITPEEKWDLAIRAYNK
EHQDQVRAGYYLSIPGKKAVESFCYLNPNFTPDHPRIQAKTPTHEVNVWPDETKHPGFQDFAEQYYWDVFGLSSALLKGY
ALALGKEENFFARHFKPDDTLASVVLIRYPYLDPYPEAAIKTAADGTKLSFEWHEDVSLITVLYQSNVQNLQVETAAGYQ
DIEADDTGYLINCGSYMAHLTNNYYKAPIHRVKWVNAERQSLPFFVNLGYDSVIDPFDPREPNGKSDREPLSYGDYLQNG
LVSLINKNGQT
;
_entity_poly.pdbx_strand_id   A
#
loop_
_chem_comp.id
_chem_comp.type
_chem_comp.name
_chem_comp.formula
FE2 non-polymer 'FE (II) ION' 'Fe 2'
GOL non-polymer GLYCEROL 'C3 H8 O3'
SO4 non-polymer 'SULFATE ION' 'O4 S -2'
VAZ non-polymer N^6^-{(1R)-2-{[(1S,2R)-1-carboxy-2-hydroxy-2-(methylsulfanyl)ethyl]oxy}-1-[(oxidosulfanyl)methyl]-2-oxoethyl}-6-oxo-L-lysine 'C13 H22 N2 O9 S2'
#
# COMPACT_ATOMS: atom_id res chain seq x y z
N SER A 3 24.76 15.52 2.96
CA SER A 3 23.90 14.63 2.14
C SER A 3 23.17 13.68 3.05
N VAL A 4 22.34 12.85 2.44
CA VAL A 4 21.63 11.88 3.14
C VAL A 4 22.13 10.47 2.65
N SER A 5 22.34 9.53 3.53
CA SER A 5 22.86 8.21 3.14
C SER A 5 21.77 7.34 2.51
N LYS A 6 22.19 6.41 1.67
CA LYS A 6 21.26 5.50 0.93
C LYS A 6 20.91 4.40 1.91
N ALA A 7 19.64 4.16 2.05
CA ALA A 7 19.19 2.98 2.81
C ALA A 7 19.47 1.66 2.08
N ASN A 8 19.74 0.63 2.88
CA ASN A 8 19.89 -0.72 2.42
C ASN A 8 18.55 -1.26 2.10
N VAL A 9 18.33 -1.43 0.81
CA VAL A 9 17.09 -1.95 0.37
C VAL A 9 17.44 -3.02 -0.67
N PRO A 10 17.57 -4.25 -0.23
CA PRO A 10 18.03 -5.27 -1.15
C PRO A 10 16.99 -5.65 -2.18
N LYS A 11 17.42 -6.18 -3.31
CA LYS A 11 16.59 -6.71 -4.31
C LYS A 11 16.48 -8.17 -4.06
N ILE A 12 15.33 -8.74 -3.92
CA ILE A 12 15.07 -10.17 -3.62
C ILE A 12 14.25 -10.74 -4.74
N ASP A 13 14.80 -11.75 -5.41
CA ASP A 13 14.11 -12.55 -6.40
C ASP A 13 13.08 -13.38 -5.73
N VAL A 14 11.83 -12.99 -5.86
CA VAL A 14 10.72 -13.68 -5.17
C VAL A 14 10.13 -14.77 -6.03
N SER A 15 10.63 -15.01 -7.23
CA SER A 15 9.99 -16.03 -8.09
C SER A 15 9.86 -17.42 -7.46
N PRO A 16 10.78 -17.87 -6.59
CA PRO A 16 10.50 -19.17 -5.98
C PRO A 16 9.23 -19.27 -5.17
N LEU A 17 8.72 -18.14 -4.70
CA LEU A 17 7.51 -18.17 -3.91
C LEU A 17 6.27 -18.46 -4.69
N PHE A 18 6.34 -18.47 -6.01
CA PHE A 18 5.29 -18.94 -6.88
C PHE A 18 5.33 -20.39 -7.14
N GLY A 19 6.38 -21.11 -6.70
CA GLY A 19 6.56 -22.56 -7.12
C GLY A 19 6.55 -23.50 -5.93
N ASP A 20 7.20 -24.65 -6.14
CA ASP A 20 7.09 -25.76 -5.26
C ASP A 20 8.46 -26.24 -4.85
N ASP A 21 9.48 -25.42 -4.89
CA ASP A 21 10.76 -25.80 -4.43
C ASP A 21 10.92 -25.23 -3.01
N GLN A 22 10.63 -26.06 -2.04
CA GLN A 22 10.60 -25.60 -0.64
C GLN A 22 11.91 -25.00 -0.11
N ALA A 23 13.04 -25.62 -0.40
CA ALA A 23 14.27 -25.09 0.05
C ALA A 23 14.59 -23.71 -0.52
N ALA A 24 14.25 -23.58 -1.80
CA ALA A 24 14.42 -22.31 -2.48
C ALA A 24 13.56 -21.24 -1.82
N LYS A 25 12.33 -21.63 -1.49
CA LYS A 25 11.44 -20.69 -0.79
C LYS A 25 12.02 -20.32 0.56
N MET A 26 12.61 -21.28 1.30
CA MET A 26 13.24 -20.85 2.55
C MET A 26 14.40 -19.87 2.41
N ARG A 27 15.15 -20.03 1.31
CA ARG A 27 16.25 -19.09 1.05
C ARG A 27 15.71 -17.70 0.73
N VAL A 28 14.53 -17.62 0.06
CA VAL A 28 13.87 -16.31 -0.08
C VAL A 28 13.37 -15.74 1.22
N ALA A 29 12.76 -16.64 2.03
CA ALA A 29 12.27 -16.23 3.33
C ALA A 29 13.38 -15.65 4.22
N GLN A 30 14.58 -16.26 4.14
CA GLN A 30 15.68 -15.71 4.90
C GLN A 30 15.99 -14.28 4.51
N GLN A 31 15.97 -14.03 3.19
CA GLN A 31 16.24 -12.66 2.71
C GLN A 31 15.13 -11.72 3.18
N ILE A 32 13.88 -12.14 3.20
CA ILE A 32 12.82 -11.29 3.67
C ILE A 32 13.01 -11.02 5.18
N ASP A 33 13.41 -12.06 5.93
CA ASP A 33 13.64 -11.82 7.37
C ASP A 33 14.78 -10.82 7.58
N ALA A 34 15.86 -10.96 6.81
CA ALA A 34 16.97 -10.04 6.98
C ALA A 34 16.52 -8.62 6.67
N ALA A 35 15.85 -8.42 5.58
CA ALA A 35 15.43 -7.06 5.21
C ALA A 35 14.44 -6.52 6.23
N SER A 36 13.52 -7.35 6.76
CA SER A 36 12.52 -6.93 7.71
C SER A 36 13.14 -6.51 9.00
N ARG A 37 14.25 -7.16 9.37
CA ARG A 37 14.99 -6.84 10.59
C ARG A 37 15.93 -5.67 10.47
N ASP A 38 16.23 -5.25 9.27
CA ASP A 38 17.21 -4.17 8.98
C ASP A 38 16.38 -2.89 8.73
N THR A 39 16.29 -2.40 7.49
CA THR A 39 15.60 -1.13 7.28
C THR A 39 14.11 -1.34 7.19
N GLY A 40 13.68 -2.57 6.91
CA GLY A 40 12.28 -2.81 6.78
C GLY A 40 11.79 -2.76 5.35
N PHE A 41 12.60 -2.51 4.39
CA PHE A 41 12.23 -2.43 3.01
C PHE A 41 13.05 -3.37 2.16
N PHE A 42 12.44 -3.90 1.13
CA PHE A 42 13.17 -4.57 0.04
C PHE A 42 12.44 -4.34 -1.23
N TYR A 43 13.13 -4.56 -2.35
CA TYR A 43 12.47 -4.66 -3.69
C TYR A 43 12.30 -6.09 -4.03
N ALA A 44 11.07 -6.42 -4.36
CA ALA A 44 10.71 -7.69 -4.94
C ALA A 44 10.96 -7.62 -6.44
N VAL A 45 11.81 -8.48 -6.98
CA VAL A 45 12.12 -8.56 -8.37
C VAL A 45 11.74 -9.93 -8.89
N ASN A 46 11.65 -10.09 -10.20
CA ASN A 46 11.15 -11.31 -10.83
C ASN A 46 9.76 -11.65 -10.32
N HIS A 47 8.92 -10.61 -10.19
CA HIS A 47 7.56 -10.71 -9.71
C HIS A 47 6.52 -11.04 -10.72
N GLY A 48 6.82 -10.99 -11.98
CA GLY A 48 5.91 -11.38 -13.04
C GLY A 48 4.90 -10.38 -13.46
N ILE A 49 4.79 -9.20 -12.86
CA ILE A 49 3.78 -8.26 -13.24
C ILE A 49 4.35 -7.27 -14.27
N ASN A 50 3.50 -6.93 -15.25
CA ASN A 50 3.89 -5.95 -16.29
C ASN A 50 3.66 -4.54 -15.74
N VAL A 51 4.67 -4.03 -15.05
CA VAL A 51 4.56 -2.74 -14.39
C VAL A 51 4.63 -1.63 -15.43
N GLN A 52 5.32 -1.76 -16.56
CA GLN A 52 5.33 -0.73 -17.52
C GLN A 52 3.93 -0.47 -18.05
N ARG A 53 3.16 -1.56 -18.29
CA ARG A 53 1.81 -1.40 -18.75
C ARG A 53 0.94 -0.81 -17.70
N LEU A 54 1.06 -1.23 -16.43
CA LEU A 54 0.40 -0.60 -15.30
C LEU A 54 0.62 0.84 -15.37
N SER A 55 1.84 1.31 -15.49
CA SER A 55 2.18 2.72 -15.48
C SER A 55 1.57 3.45 -16.64
N GLN A 56 1.56 2.84 -17.81
CA GLN A 56 0.97 3.48 -18.98
C GLN A 56 -0.51 3.62 -18.89
N LYS A 57 -1.21 2.56 -18.41
CA LYS A 57 -2.63 2.65 -18.29
C LYS A 57 -3.02 3.64 -17.24
N THR A 58 -2.28 3.69 -16.15
CA THR A 58 -2.53 4.64 -15.08
C THR A 58 -2.29 6.09 -15.57
N LYS A 59 -1.25 6.32 -16.30
CA LYS A 59 -1.04 7.67 -16.87
C LYS A 59 -2.15 8.07 -17.76
N GLU A 60 -2.56 7.14 -18.63
CA GLU A 60 -3.70 7.51 -19.59
C GLU A 60 -4.96 7.95 -18.79
N PHE A 61 -5.26 7.23 -17.71
CA PHE A 61 -6.35 7.63 -16.83
C PHE A 61 -6.14 9.00 -16.18
N HIS A 62 -5.01 9.16 -15.51
CA HIS A 62 -4.76 10.38 -14.75
C HIS A 62 -4.76 11.57 -15.65
N MET A 63 -4.27 11.44 -16.86
CA MET A 63 -4.13 12.63 -17.74
C MET A 63 -5.36 12.89 -18.50
N SER A 64 -6.33 11.99 -18.58
CA SER A 64 -7.58 12.24 -19.24
C SER A 64 -8.75 12.47 -18.40
N ILE A 65 -8.76 12.13 -17.15
CA ILE A 65 -9.90 12.40 -16.35
C ILE A 65 -10.12 13.90 -16.15
N THR A 66 -11.34 14.33 -16.22
CA THR A 66 -11.72 15.74 -16.19
C THR A 66 -12.26 16.18 -14.87
N PRO A 67 -12.28 17.50 -14.62
CA PRO A 67 -12.81 17.96 -13.37
C PRO A 67 -14.19 17.47 -13.07
N GLU A 68 -15.04 17.41 -14.12
CA GLU A 68 -16.40 16.93 -13.96
C GLU A 68 -16.44 15.53 -13.45
N GLU A 69 -15.63 14.68 -14.03
CA GLU A 69 -15.58 13.26 -13.62
C GLU A 69 -15.06 13.11 -12.21
N LYS A 70 -14.08 13.93 -11.82
CA LYS A 70 -13.55 13.87 -10.46
C LYS A 70 -14.58 14.17 -9.43
N TRP A 71 -15.45 15.19 -9.66
CA TRP A 71 -16.56 15.40 -8.71
C TRP A 71 -17.47 14.25 -8.69
N ASP A 72 -17.74 13.69 -9.84
CA ASP A 72 -18.73 12.56 -9.94
C ASP A 72 -18.23 11.30 -9.26
N LEU A 73 -16.93 11.14 -9.17
CA LEU A 73 -16.32 9.97 -8.56
C LEU A 73 -15.86 10.28 -7.15
N ALA A 74 -15.95 11.50 -6.59
CA ALA A 74 -15.26 11.96 -5.42
C ALA A 74 -15.69 11.23 -4.18
N ILE A 75 -14.75 10.94 -3.27
CA ILE A 75 -15.09 10.48 -1.95
C ILE A 75 -15.83 11.56 -1.18
N ARG A 76 -16.41 11.13 -0.08
CA ARG A 76 -17.22 12.00 0.84
C ARG A 76 -16.50 13.23 1.33
N ALA A 77 -15.17 13.12 1.51
CA ALA A 77 -14.45 14.24 2.00
C ALA A 77 -14.49 15.41 1.02
N TYR A 78 -14.72 15.17 -0.24
CA TYR A 78 -14.82 16.19 -1.27
C TYR A 78 -16.17 16.42 -1.77
N ASN A 79 -17.11 15.52 -1.56
CA ASN A 79 -18.43 15.59 -2.14
C ASN A 79 -19.45 15.01 -1.11
N LYS A 80 -20.15 15.89 -0.47
CA LYS A 80 -21.11 15.49 0.58
C LYS A 80 -22.21 14.60 0.02
N GLU A 81 -22.47 14.58 -1.30
CA GLU A 81 -23.55 13.73 -1.83
C GLU A 81 -23.11 12.26 -1.79
N HIS A 82 -21.90 11.93 -1.56
CA HIS A 82 -21.37 10.57 -1.68
C HIS A 82 -21.02 10.00 -0.31
N GLN A 83 -22.06 9.83 0.51
CA GLN A 83 -21.83 9.48 1.93
C GLN A 83 -21.38 8.04 2.07
N ASP A 84 -21.58 7.21 1.07
CA ASP A 84 -21.12 5.80 1.11
C ASP A 84 -19.67 5.69 0.70
N GLN A 85 -19.02 6.68 0.13
CA GLN A 85 -17.66 6.61 -0.35
C GLN A 85 -16.73 7.18 0.64
N VAL A 86 -16.23 6.41 1.57
CA VAL A 86 -15.30 6.80 2.50
C VAL A 86 -13.92 6.47 1.94
N ARG A 87 -13.71 5.30 1.38
CA ARG A 87 -12.47 4.73 0.87
C ARG A 87 -12.34 4.87 -0.63
N ALA A 88 -13.30 4.38 -1.39
CA ALA A 88 -13.20 4.17 -2.82
C ALA A 88 -13.68 5.41 -3.59
N GLY A 89 -12.91 5.82 -4.57
CA GLY A 89 -13.26 6.94 -5.45
C GLY A 89 -12.10 7.87 -5.61
N TYR A 90 -12.45 9.07 -6.03
CA TYR A 90 -11.45 10.08 -6.43
C TYR A 90 -11.15 11.01 -5.21
N TYR A 91 -9.87 11.30 -5.03
CA TYR A 91 -9.35 12.15 -3.97
C TYR A 91 -8.77 13.38 -4.76
N LEU A 92 -9.44 14.50 -4.65
CA LEU A 92 -9.11 15.62 -5.54
C LEU A 92 -7.90 16.42 -5.03
N SER A 93 -7.18 17.02 -5.98
CA SER A 93 -6.20 18.06 -5.65
C SER A 93 -6.97 19.35 -5.37
N ILE A 94 -6.22 20.27 -4.80
CA ILE A 94 -6.75 21.62 -4.56
C ILE A 94 -5.71 22.58 -5.09
N PRO A 95 -5.77 23.03 -6.37
CA PRO A 95 -4.76 23.86 -6.92
C PRO A 95 -4.43 24.98 -6.02
N GLY A 96 -3.16 25.29 -5.84
CA GLY A 96 -2.69 26.31 -5.00
C GLY A 96 -2.46 25.88 -3.56
N LYS A 97 -2.95 24.70 -3.22
CA LYS A 97 -2.95 24.20 -1.85
C LYS A 97 -2.53 22.78 -1.64
N LYS A 98 -3.00 21.85 -2.47
CA LYS A 98 -2.80 20.44 -2.30
C LYS A 98 -2.49 19.88 -3.66
N ALA A 99 -1.30 19.35 -3.86
CA ALA A 99 -0.89 18.91 -5.16
C ALA A 99 -1.34 17.52 -5.53
N VAL A 100 -1.31 16.58 -4.60
CA VAL A 100 -1.55 15.21 -4.89
C VAL A 100 -3.01 14.98 -5.15
N GLU A 101 -3.30 14.00 -5.98
CA GLU A 101 -4.64 13.51 -6.25
C GLU A 101 -4.56 12.01 -6.54
N SER A 102 -5.65 11.31 -6.33
CA SER A 102 -5.58 9.85 -6.44
C SER A 102 -6.94 9.27 -6.68
N PHE A 103 -6.92 7.98 -7.06
CA PHE A 103 -8.13 7.17 -7.26
C PHE A 103 -7.90 5.85 -6.51
N CYS A 104 -8.81 5.54 -5.63
CA CYS A 104 -8.74 4.30 -4.78
C CYS A 104 -9.83 3.36 -5.21
N TYR A 105 -9.51 2.10 -5.29
CA TYR A 105 -10.53 1.06 -5.49
C TYR A 105 -10.19 -0.14 -4.59
N LEU A 106 -11.25 -0.87 -4.27
CA LEU A 106 -11.25 -2.02 -3.38
C LEU A 106 -11.47 -3.29 -4.16
N ASN A 107 -11.64 -4.36 -3.41
CA ASN A 107 -11.98 -5.67 -3.96
C ASN A 107 -13.10 -5.57 -4.99
N PRO A 108 -12.83 -6.03 -6.22
CA PRO A 108 -13.90 -6.08 -7.20
C PRO A 108 -15.06 -6.97 -6.86
N ASN A 109 -14.86 -7.92 -5.95
CA ASN A 109 -15.93 -8.80 -5.48
C ASN A 109 -16.88 -8.13 -4.49
N PHE A 110 -16.58 -6.92 -4.09
CA PHE A 110 -17.52 -6.16 -3.25
C PHE A 110 -18.54 -5.54 -4.19
N THR A 111 -19.53 -6.35 -4.55
CA THR A 111 -20.62 -6.01 -5.40
C THR A 111 -21.87 -5.73 -4.56
N PRO A 112 -22.93 -5.21 -5.18
CA PRO A 112 -24.08 -4.89 -4.37
C PRO A 112 -24.65 -6.01 -3.63
N ASP A 113 -24.56 -7.24 -4.08
CA ASP A 113 -25.09 -8.39 -3.47
C ASP A 113 -24.13 -9.11 -2.44
N HIS A 114 -22.95 -8.54 -2.30
CA HIS A 114 -21.98 -9.15 -1.36
C HIS A 114 -22.48 -9.07 0.06
N PRO A 115 -22.42 -10.13 0.85
CA PRO A 115 -23.01 -10.05 2.21
C PRO A 115 -22.52 -8.89 3.07
N ARG A 116 -21.26 -8.51 2.91
CA ARG A 116 -20.76 -7.40 3.75
C ARG A 116 -21.28 -6.05 3.29
N ILE A 117 -21.52 -5.92 1.97
CA ILE A 117 -22.12 -4.73 1.39
C ILE A 117 -23.59 -4.65 1.82
N GLN A 118 -24.31 -5.77 1.76
CA GLN A 118 -25.68 -5.81 2.24
C GLN A 118 -25.72 -5.40 3.70
N ALA A 119 -24.82 -5.91 4.53
CA ALA A 119 -24.81 -5.58 5.96
C ALA A 119 -24.33 -4.18 6.28
N LYS A 120 -23.78 -3.49 5.31
CA LYS A 120 -23.21 -2.14 5.49
C LYS A 120 -22.12 -2.19 6.45
N THR A 121 -21.28 -3.21 6.39
CA THR A 121 -20.17 -3.37 7.32
C THR A 121 -19.12 -2.28 7.03
N PRO A 122 -18.64 -1.57 8.01
CA PRO A 122 -17.57 -0.59 7.79
C PRO A 122 -16.38 -1.16 6.99
N THR A 123 -15.80 -0.28 6.19
CA THR A 123 -14.60 -0.47 5.37
C THR A 123 -14.87 -1.23 4.08
N HIS A 124 -16.13 -1.72 3.89
CA HIS A 124 -16.57 -2.37 2.66
C HIS A 124 -17.40 -1.41 1.81
N GLU A 125 -17.00 -1.25 0.55
CA GLU A 125 -17.78 -0.42 -0.36
C GLU A 125 -17.74 -1.01 -1.74
N VAL A 126 -18.71 -0.63 -2.59
CA VAL A 126 -18.76 -0.95 -3.98
C VAL A 126 -17.92 0.10 -4.72
N ASN A 127 -16.98 -0.35 -5.51
CA ASN A 127 -16.18 0.55 -6.28
C ASN A 127 -17.01 1.40 -7.18
N VAL A 128 -16.46 2.61 -7.46
CA VAL A 128 -17.00 3.54 -8.46
C VAL A 128 -16.02 3.69 -9.57
N TRP A 129 -16.52 3.78 -10.82
CA TRP A 129 -15.68 3.85 -12.02
C TRP A 129 -16.12 4.95 -12.91
N PRO A 130 -15.20 5.50 -13.71
CA PRO A 130 -15.60 6.44 -14.71
C PRO A 130 -16.39 5.84 -15.81
N ASP A 131 -16.97 6.61 -16.70
CA ASP A 131 -17.70 6.10 -17.81
C ASP A 131 -16.73 5.29 -18.72
N GLU A 132 -17.24 4.13 -19.16
CA GLU A 132 -16.44 3.29 -20.03
C GLU A 132 -16.10 3.94 -21.34
N THR A 133 -17.02 4.71 -21.94
CA THR A 133 -16.70 5.34 -23.22
C THR A 133 -15.61 6.42 -23.11
N LYS A 134 -15.50 7.08 -21.96
CA LYS A 134 -14.49 8.09 -21.77
C LYS A 134 -13.14 7.50 -21.40
N HIS A 135 -13.17 6.29 -20.80
CA HIS A 135 -11.94 5.63 -20.35
C HIS A 135 -11.92 4.18 -20.79
N PRO A 136 -11.90 3.96 -22.10
CA PRO A 136 -12.12 2.55 -22.54
C PRO A 136 -11.11 1.58 -22.02
N GLY A 137 -11.58 0.45 -21.49
CA GLY A 137 -10.69 -0.54 -20.94
C GLY A 137 -10.15 -0.33 -19.58
N PHE A 138 -10.35 0.86 -19.02
CA PHE A 138 -9.73 1.14 -17.75
C PHE A 138 -10.23 0.30 -16.56
N GLN A 139 -11.54 0.18 -16.41
CA GLN A 139 -12.09 -0.61 -15.33
C GLN A 139 -11.58 -2.04 -15.48
N ASP A 140 -11.63 -2.59 -16.65
CA ASP A 140 -11.19 -4.02 -16.83
C ASP A 140 -9.71 -4.14 -16.51
N PHE A 141 -8.91 -3.19 -16.94
CA PHE A 141 -7.51 -3.20 -16.65
C PHE A 141 -7.27 -3.15 -15.17
N ALA A 142 -7.94 -2.24 -14.53
CA ALA A 142 -7.70 -2.02 -13.12
C ALA A 142 -8.12 -3.17 -12.25
N GLU A 143 -9.25 -3.79 -12.62
CA GLU A 143 -9.71 -4.98 -11.83
C GLU A 143 -8.74 -6.15 -12.05
N GLN A 144 -8.26 -6.31 -13.28
CA GLN A 144 -7.25 -7.34 -13.52
C GLN A 144 -5.97 -7.07 -12.73
N TYR A 145 -5.60 -5.82 -12.68
CA TYR A 145 -4.42 -5.45 -11.88
C TYR A 145 -4.58 -5.83 -10.45
N TYR A 146 -5.75 -5.57 -9.90
CA TYR A 146 -6.00 -5.99 -8.56
C TYR A 146 -5.64 -7.47 -8.36
N TRP A 147 -6.14 -8.31 -9.27
CA TRP A 147 -5.86 -9.72 -9.12
C TRP A 147 -4.44 -10.13 -9.38
N ASP A 148 -3.73 -9.39 -10.24
CA ASP A 148 -2.29 -9.65 -10.50
C ASP A 148 -1.54 -9.31 -9.26
N VAL A 149 -1.79 -8.17 -8.66
CA VAL A 149 -1.07 -7.80 -7.48
C VAL A 149 -1.50 -8.59 -6.23
N PHE A 150 -2.71 -9.03 -6.19
CA PHE A 150 -3.17 -9.96 -5.16
C PHE A 150 -2.36 -11.22 -5.25
N GLY A 151 -2.11 -11.74 -6.46
CA GLY A 151 -1.31 -12.99 -6.58
C GLY A 151 0.08 -12.79 -6.08
N LEU A 152 0.70 -11.69 -6.50
CA LEU A 152 2.05 -11.40 -6.01
C LEU A 152 2.03 -11.32 -4.50
N SER A 153 1.03 -10.63 -3.91
CA SER A 153 1.00 -10.41 -2.47
C SER A 153 0.79 -11.75 -1.79
N SER A 154 0.02 -12.65 -2.31
CA SER A 154 -0.14 -13.95 -1.68
C SER A 154 1.21 -14.65 -1.68
N ALA A 155 1.97 -14.60 -2.76
CA ALA A 155 3.30 -15.20 -2.75
C ALA A 155 4.20 -14.57 -1.70
N LEU A 156 4.19 -13.26 -1.59
CA LEU A 156 5.00 -12.58 -0.61
C LEU A 156 4.59 -13.01 0.77
N LEU A 157 3.30 -13.14 1.03
CA LEU A 157 2.84 -13.57 2.34
C LEU A 157 3.30 -14.95 2.67
N LYS A 158 3.49 -15.84 1.70
CA LYS A 158 4.05 -17.15 2.00
C LYS A 158 5.50 -16.94 2.42
N GLY A 159 6.26 -16.04 1.78
CA GLY A 159 7.64 -15.77 2.22
C GLY A 159 7.69 -15.20 3.62
N TYR A 160 6.84 -14.25 3.97
CA TYR A 160 6.86 -13.69 5.35
C TYR A 160 6.53 -14.77 6.42
N ALA A 161 5.55 -15.60 6.10
CA ALA A 161 5.17 -16.70 6.97
C ALA A 161 6.38 -17.62 7.23
N LEU A 162 6.98 -18.07 6.17
CA LEU A 162 8.18 -18.95 6.34
C LEU A 162 9.23 -18.24 7.07
N ALA A 163 9.46 -16.97 6.82
CA ALA A 163 10.48 -16.14 7.51
C ALA A 163 10.32 -16.13 9.04
N LEU A 164 9.06 -16.19 9.47
CA LEU A 164 8.70 -16.08 10.89
C LEU A 164 8.60 -17.46 11.52
N GLY A 165 8.98 -18.50 10.82
CA GLY A 165 8.92 -19.85 11.37
C GLY A 165 7.58 -20.52 11.35
N LYS A 166 6.70 -20.02 10.47
CA LYS A 166 5.33 -20.56 10.37
C LYS A 166 5.21 -21.30 9.08
N GLU A 167 4.12 -22.05 8.94
CA GLU A 167 3.75 -22.69 7.66
C GLU A 167 3.38 -21.65 6.67
N GLU A 168 3.54 -21.91 5.35
CA GLU A 168 3.51 -20.86 4.40
C GLU A 168 2.14 -20.24 4.23
N ASN A 169 1.03 -20.88 4.67
CA ASN A 169 -0.30 -20.29 4.56
C ASN A 169 -0.71 -19.53 5.81
N PHE A 170 0.22 -19.19 6.72
CA PHE A 170 -0.12 -18.60 7.98
C PHE A 170 -0.84 -17.27 7.84
N PHE A 171 -0.35 -16.43 6.92
CA PHE A 171 -1.08 -15.18 6.56
C PHE A 171 -1.98 -15.38 5.40
N ALA A 172 -1.54 -16.07 4.38
CA ALA A 172 -2.31 -16.16 3.17
C ALA A 172 -3.67 -16.81 3.33
N ARG A 173 -3.87 -17.62 4.35
CA ARG A 173 -5.16 -18.25 4.56
C ARG A 173 -6.20 -17.22 4.98
N HIS A 174 -5.80 -16.03 5.41
CA HIS A 174 -6.69 -14.94 5.77
C HIS A 174 -6.80 -13.90 4.67
N PHE A 175 -6.19 -14.13 3.52
CA PHE A 175 -6.10 -13.22 2.41
C PHE A 175 -6.78 -13.86 1.22
N LYS A 176 -8.07 -13.55 1.07
CA LYS A 176 -8.88 -14.34 0.22
C LYS A 176 -9.66 -13.46 -0.74
N PRO A 177 -9.83 -13.90 -2.01
CA PRO A 177 -10.52 -13.06 -2.99
C PRO A 177 -11.87 -12.62 -2.58
N ASP A 178 -12.65 -13.43 -1.90
CA ASP A 178 -14.04 -13.09 -1.64
C ASP A 178 -14.11 -12.02 -0.61
N ASP A 179 -13.13 -11.78 0.23
CA ASP A 179 -13.31 -10.91 1.36
C ASP A 179 -12.21 -9.96 1.71
N THR A 180 -11.08 -9.98 1.00
CA THR A 180 -10.00 -9.08 1.36
C THR A 180 -10.39 -7.65 1.32
N LEU A 181 -9.93 -6.90 2.29
CA LEU A 181 -10.08 -5.44 2.41
C LEU A 181 -8.94 -4.66 1.74
N ALA A 182 -8.11 -5.37 0.97
CA ALA A 182 -7.01 -4.73 0.27
C ALA A 182 -7.51 -3.67 -0.70
N SER A 183 -6.66 -2.65 -0.86
CA SER A 183 -6.95 -1.54 -1.79
C SER A 183 -5.76 -1.25 -2.67
N VAL A 184 -6.11 -0.79 -3.86
CA VAL A 184 -5.17 -0.16 -4.80
C VAL A 184 -5.44 1.35 -4.75
N VAL A 185 -4.34 2.14 -4.71
CA VAL A 185 -4.43 3.56 -4.85
C VAL A 185 -3.57 3.98 -6.00
N LEU A 186 -4.16 4.71 -6.96
CA LEU A 186 -3.43 5.24 -8.08
C LEU A 186 -3.16 6.72 -7.81
N ILE A 187 -2.00 7.00 -7.27
CA ILE A 187 -1.63 8.39 -6.84
C ILE A 187 -0.83 9.09 -7.91
N ARG A 188 -1.29 10.28 -8.25
CA ARG A 188 -0.62 11.23 -9.13
C ARG A 188 0.04 12.30 -8.27
N TYR A 189 1.35 12.41 -8.43
CA TYR A 189 2.11 13.57 -7.89
C TYR A 189 2.48 14.40 -9.09
N PRO A 190 2.00 15.60 -9.21
CA PRO A 190 2.19 16.38 -10.40
C PRO A 190 3.48 17.16 -10.42
N TYR A 191 3.91 17.53 -11.61
CA TYR A 191 4.83 18.68 -11.86
C TYR A 191 4.00 19.93 -11.89
N LEU A 192 4.40 20.94 -11.11
CA LEU A 192 3.76 22.22 -11.14
C LEU A 192 4.76 23.33 -11.16
N ASP A 193 4.52 24.35 -11.99
CA ASP A 193 5.38 25.55 -12.08
C ASP A 193 4.54 26.80 -12.13
N PRO A 194 4.46 27.54 -11.04
CA PRO A 194 5.18 27.38 -9.79
C PRO A 194 4.51 26.31 -8.90
N TYR A 195 5.27 25.73 -7.99
CA TYR A 195 4.75 24.73 -7.06
C TYR A 195 4.34 25.44 -5.82
N PRO A 196 3.07 25.36 -5.47
CA PRO A 196 2.68 26.21 -4.35
C PRO A 196 3.28 25.67 -3.00
N GLU A 197 3.76 26.66 -2.25
CA GLU A 197 4.38 26.34 -0.96
C GLU A 197 3.38 25.71 -0.01
N ALA A 198 2.12 26.08 -0.12
CA ALA A 198 1.17 25.46 0.76
C ALA A 198 1.06 24.02 0.56
N ALA A 199 1.49 23.43 -0.58
CA ALA A 199 1.42 22.00 -0.74
C ALA A 199 2.66 21.28 -0.44
N ILE A 200 3.63 22.00 0.18
CA ILE A 200 4.94 21.48 0.60
C ILE A 200 4.95 21.55 2.07
N LYS A 201 5.22 20.46 2.74
CA LYS A 201 5.36 20.41 4.17
C LYS A 201 6.84 20.41 4.50
N THR A 202 7.25 20.78 5.71
CA THR A 202 8.61 20.86 6.10
C THR A 202 8.84 19.96 7.34
N ALA A 203 9.78 19.02 7.24
CA ALA A 203 10.15 18.20 8.36
C ALA A 203 10.94 18.92 9.39
N ALA A 204 11.05 18.38 10.60
CA ALA A 204 11.79 19.07 11.61
C ALA A 204 13.29 19.27 11.22
N ASP A 205 13.80 18.32 10.42
CA ASP A 205 15.19 18.44 9.88
C ASP A 205 15.30 19.29 8.68
N GLY A 206 14.23 19.96 8.23
CA GLY A 206 14.30 20.83 7.12
C GLY A 206 13.98 20.28 5.78
N THR A 207 13.78 18.98 5.74
CA THR A 207 13.51 18.35 4.45
C THR A 207 12.11 18.76 4.01
N LYS A 208 11.98 19.12 2.73
CA LYS A 208 10.73 19.43 2.13
C LYS A 208 10.03 18.13 1.78
N LEU A 209 8.76 18.02 2.18
CA LEU A 209 7.97 16.82 2.07
C LEU A 209 6.64 17.00 1.34
N SER A 210 6.22 15.93 0.71
CA SER A 210 4.85 15.84 0.19
C SER A 210 3.97 15.09 1.20
N PHE A 211 4.51 14.16 1.99
CA PHE A 211 3.68 13.40 2.94
C PHE A 211 4.61 13.10 4.09
N GLU A 212 4.10 13.35 5.29
CA GLU A 212 4.85 13.29 6.56
C GLU A 212 5.07 11.83 7.04
N TRP A 213 5.91 11.71 8.03
CA TRP A 213 6.30 10.42 8.58
C TRP A 213 5.05 9.63 9.01
N HIS A 214 5.12 8.33 8.81
CA HIS A 214 4.03 7.45 9.14
C HIS A 214 4.54 6.06 9.10
N GLU A 215 3.74 5.16 9.78
CA GLU A 215 3.72 3.73 9.55
C GLU A 215 2.53 3.43 8.69
N ASP A 216 2.67 2.47 7.82
CA ASP A 216 1.56 2.07 6.98
C ASP A 216 0.48 1.29 7.75
N VAL A 217 -0.78 1.53 7.34
CA VAL A 217 -1.96 0.78 7.83
C VAL A 217 -2.15 -0.34 6.79
N SER A 218 -1.54 -1.52 7.13
CA SER A 218 -1.50 -2.66 6.31
C SER A 218 -0.92 -3.79 7.08
N LEU A 219 -1.07 -5.00 6.53
CA LEU A 219 -0.19 -6.14 6.94
C LEU A 219 1.21 -5.96 6.23
N ILE A 220 1.18 -5.87 4.90
CA ILE A 220 2.34 -5.44 4.10
C ILE A 220 1.77 -4.50 3.05
N THR A 221 2.69 -3.70 2.47
CA THR A 221 2.42 -2.78 1.37
C THR A 221 3.30 -3.16 0.19
N VAL A 222 2.66 -3.20 -0.97
CA VAL A 222 3.30 -3.69 -2.21
C VAL A 222 3.18 -2.56 -3.25
N LEU A 223 4.30 -1.84 -3.44
CA LEU A 223 4.22 -0.53 -4.06
C LEU A 223 5.01 -0.47 -5.33
N TYR A 224 4.40 0.04 -6.40
CA TYR A 224 5.09 0.43 -7.61
CA TYR A 224 5.09 0.40 -7.63
C TYR A 224 5.22 1.94 -7.58
N GLN A 225 6.37 2.48 -7.93
CA GLN A 225 6.56 3.90 -8.15
C GLN A 225 7.37 4.18 -9.38
N SER A 226 7.11 5.33 -9.99
CA SER A 226 8.01 5.80 -11.02
C SER A 226 9.43 5.92 -10.60
N ASN A 227 10.35 6.12 -11.54
CA ASN A 227 11.75 6.15 -11.34
C ASN A 227 12.23 7.55 -10.95
N VAL A 228 11.68 8.10 -9.91
CA VAL A 228 12.03 9.40 -9.36
C VAL A 228 12.19 9.17 -7.89
N GLN A 229 13.41 9.34 -7.37
CA GLN A 229 13.67 9.12 -5.94
C GLN A 229 12.82 10.02 -5.07
N ASN A 230 12.22 9.48 -4.02
CA ASN A 230 11.45 10.37 -3.13
C ASN A 230 11.25 9.84 -1.76
N LEU A 231 11.29 8.50 -1.54
CA LEU A 231 11.01 7.94 -0.22
C LEU A 231 12.24 7.94 0.70
N GLN A 232 11.93 8.18 1.99
CA GLN A 232 12.96 8.07 2.98
C GLN A 232 12.42 7.18 4.12
N VAL A 233 13.34 6.44 4.75
CA VAL A 233 13.11 5.56 5.90
C VAL A 233 13.88 5.98 7.09
N GLU A 234 13.27 6.05 8.24
CA GLU A 234 13.94 6.38 9.49
C GLU A 234 14.66 5.06 9.92
N THR A 235 15.97 5.20 10.14
CA THR A 235 16.78 4.14 10.78
C THR A 235 17.39 4.72 11.99
N ALA A 236 18.13 3.83 12.72
CA ALA A 236 18.92 4.27 13.88
C ALA A 236 19.89 5.35 13.44
N ALA A 237 20.38 5.28 12.20
CA ALA A 237 21.28 6.32 11.74
C ALA A 237 20.62 7.50 11.08
N GLY A 238 19.31 7.63 11.20
CA GLY A 238 18.61 8.82 10.74
C GLY A 238 17.77 8.46 9.50
N TYR A 239 17.16 9.44 8.84
CA TYR A 239 16.38 9.17 7.64
C TYR A 239 17.41 8.87 6.52
N GLN A 240 17.13 7.85 5.73
CA GLN A 240 17.97 7.45 4.66
C GLN A 240 17.10 7.39 3.39
N ASP A 241 17.70 7.69 2.23
CA ASP A 241 16.94 7.70 0.99
C ASP A 241 16.79 6.25 0.48
N ILE A 242 15.58 5.90 0.07
CA ILE A 242 15.27 4.66 -0.64
C ILE A 242 15.43 4.91 -2.13
N GLU A 243 16.34 4.23 -2.79
CA GLU A 243 16.50 4.37 -4.22
C GLU A 243 15.24 3.93 -4.94
N ALA A 244 14.97 4.65 -6.02
CA ALA A 244 13.87 4.24 -6.89
C ALA A 244 14.30 3.06 -7.71
N ASP A 245 13.30 2.27 -8.13
CA ASP A 245 13.51 1.16 -9.08
C ASP A 245 12.05 0.93 -9.64
N ASP A 246 11.84 1.45 -10.81
CA ASP A 246 10.53 1.33 -11.47
C ASP A 246 10.38 -0.03 -12.27
N THR A 247 11.24 -0.99 -11.96
CA THR A 247 11.04 -2.34 -12.40
C THR A 247 10.56 -3.27 -11.31
N GLY A 248 10.79 -2.96 -10.05
CA GLY A 248 10.50 -3.79 -8.91
C GLY A 248 9.34 -3.28 -8.13
N TYR A 249 8.85 -4.07 -7.19
CA TYR A 249 7.91 -3.58 -6.20
C TYR A 249 8.62 -3.35 -4.84
N LEU A 250 8.40 -2.19 -4.28
CA LEU A 250 8.94 -1.89 -2.95
C LEU A 250 8.01 -2.45 -1.91
N ILE A 251 8.53 -3.29 -1.02
CA ILE A 251 7.74 -4.03 -0.05
C ILE A 251 8.14 -3.53 1.30
N ASN A 252 7.16 -3.36 2.23
CA ASN A 252 7.41 -3.11 3.66
C ASN A 252 6.27 -3.66 4.44
N CYS A 253 6.48 -3.82 5.72
CA CYS A 253 5.44 -4.22 6.69
C CYS A 253 4.68 -3.00 7.09
N GLY A 254 3.42 -3.20 7.41
CA GLY A 254 2.56 -2.24 8.08
C GLY A 254 2.34 -2.59 9.56
N SER A 255 1.62 -1.75 10.30
CA SER A 255 1.57 -1.87 11.71
C SER A 255 0.80 -3.12 12.15
N TYR A 256 0.01 -3.75 11.31
CA TYR A 256 -0.60 -5.04 11.73
C TYR A 256 0.46 -6.08 11.90
N MET A 257 1.41 -6.10 10.95
CA MET A 257 2.55 -7.07 11.06
C MET A 257 3.33 -6.80 12.32
N ALA A 258 3.59 -5.57 12.64
CA ALA A 258 4.31 -5.18 13.87
C ALA A 258 3.54 -5.71 15.07
N HIS A 259 2.22 -5.54 15.08
CA HIS A 259 1.46 -6.02 16.22
C HIS A 259 1.60 -7.51 16.34
N LEU A 260 1.38 -8.25 15.25
CA LEU A 260 1.33 -9.72 15.30
C LEU A 260 2.66 -10.31 15.70
N THR A 261 3.77 -9.62 15.36
CA THR A 261 5.13 -10.12 15.64
C THR A 261 5.77 -9.47 16.86
N ASN A 262 4.98 -8.72 17.64
CA ASN A 262 5.53 -8.03 18.81
C ASN A 262 6.71 -7.14 18.41
N ASN A 263 6.58 -6.48 17.28
CA ASN A 263 7.59 -5.55 16.79
C ASN A 263 8.83 -6.18 16.38
N TYR A 264 8.88 -7.52 16.25
CA TYR A 264 10.02 -8.16 15.64
C TYR A 264 10.27 -7.75 14.21
N TYR A 265 9.17 -7.70 13.45
CA TYR A 265 9.11 -7.03 12.14
C TYR A 265 8.38 -5.73 12.40
N LYS A 266 9.13 -4.66 12.51
CA LYS A 266 8.61 -3.33 12.76
C LYS A 266 7.94 -2.84 11.52
N ALA A 267 6.95 -1.96 11.66
CA ALA A 267 6.44 -1.21 10.55
C ALA A 267 7.38 -0.01 10.39
N PRO A 268 8.17 0.06 9.33
CA PRO A 268 9.15 1.12 9.33
C PRO A 268 8.52 2.49 9.14
N ILE A 269 9.05 3.47 9.84
CA ILE A 269 8.59 4.85 9.66
C ILE A 269 9.26 5.39 8.41
N HIS A 270 8.44 6.01 7.56
CA HIS A 270 8.89 6.54 6.33
C HIS A 270 8.12 7.76 5.93
N ARG A 271 8.65 8.51 4.96
CA ARG A 271 8.03 9.78 4.55
C ARG A 271 8.36 10.00 3.08
N VAL A 272 7.67 10.92 2.45
CA VAL A 272 7.74 11.18 1.00
C VAL A 272 8.31 12.58 0.83
N LYS A 273 9.48 12.68 0.28
CA LYS A 273 10.07 13.98 -0.05
C LYS A 273 9.25 14.64 -1.13
N TRP A 274 9.22 15.97 -1.05
CA TRP A 274 8.76 16.82 -2.11
C TRP A 274 9.76 16.78 -3.25
N VAL A 275 9.25 16.44 -4.42
CA VAL A 275 10.01 16.48 -5.70
C VAL A 275 9.11 17.14 -6.72
N ASN A 276 9.59 18.13 -7.45
CA ASN A 276 8.75 18.75 -8.49
C ASN A 276 8.87 17.96 -9.79
N ALA A 277 8.13 16.88 -9.86
CA ALA A 277 8.22 15.91 -10.92
C ALA A 277 6.88 15.26 -11.08
N GLU A 278 6.46 15.03 -12.29
CA GLU A 278 5.25 14.29 -12.63
C GLU A 278 5.52 12.80 -12.41
N ARG A 279 4.90 12.14 -11.44
CA ARG A 279 5.23 10.83 -11.09
C ARG A 279 4.04 10.10 -10.52
N GLN A 280 4.22 8.81 -10.35
CA GLN A 280 3.17 7.91 -9.85
C GLN A 280 3.58 7.19 -8.67
N SER A 281 2.69 6.95 -7.77
CA SER A 281 2.83 6.11 -6.65
C SER A 281 1.63 5.22 -6.51
N LEU A 282 1.78 3.90 -6.73
CA LEU A 282 0.66 2.94 -6.93
C LEU A 282 0.76 1.88 -5.87
N PRO A 283 0.41 2.14 -4.63
CA PRO A 283 0.41 1.14 -3.57
C PRO A 283 -0.77 0.18 -3.66
N PHE A 284 -0.46 -1.07 -3.25
CA PHE A 284 -1.48 -2.10 -2.90
C PHE A 284 -1.29 -2.33 -1.44
N PHE A 285 -2.28 -2.03 -0.64
CA PHE A 285 -2.26 -2.28 0.79
C PHE A 285 -2.85 -3.62 1.01
N VAL A 286 -2.01 -4.54 1.52
CA VAL A 286 -2.42 -5.92 1.73
C VAL A 286 -3.11 -5.97 3.06
N ASN A 287 -4.46 -5.99 3.00
CA ASN A 287 -5.34 -6.03 4.20
C ASN A 287 -6.00 -7.41 4.17
N LEU A 288 -6.32 -7.94 5.34
CA LEU A 288 -7.02 -9.23 5.50
C LEU A 288 -8.51 -9.03 5.42
N GLY A 289 -9.25 -10.02 5.85
CA GLY A 289 -10.70 -9.84 6.00
C GLY A 289 -11.14 -9.16 7.20
N TYR A 290 -12.39 -8.73 7.26
CA TYR A 290 -12.87 -7.92 8.41
C TYR A 290 -12.75 -8.65 9.71
N ASP A 291 -13.05 -9.94 9.72
CA ASP A 291 -13.02 -10.71 10.92
C ASP A 291 -11.74 -11.50 11.14
N SER A 292 -10.76 -11.37 10.27
CA SER A 292 -9.54 -12.07 10.41
C SER A 292 -8.85 -11.69 11.68
N VAL A 293 -8.40 -12.66 12.44
CA VAL A 293 -7.62 -12.40 13.66
C VAL A 293 -6.45 -13.43 13.63
N ILE A 294 -5.25 -12.88 13.74
CA ILE A 294 -4.10 -13.77 13.97
C ILE A 294 -3.61 -13.59 15.42
N ASP A 295 -3.41 -14.63 16.17
CA ASP A 295 -2.98 -14.49 17.52
C ASP A 295 -1.53 -13.96 17.51
N PRO A 296 -1.30 -12.89 18.24
CA PRO A 296 0.05 -12.35 18.27
C PRO A 296 1.08 -13.31 18.82
N PHE A 297 2.33 -13.22 18.40
CA PHE A 297 3.35 -14.07 18.82
C PHE A 297 4.71 -13.30 18.86
N ASP A 298 5.76 -13.89 19.38
CA ASP A 298 7.05 -13.27 19.42
C ASP A 298 8.14 -14.24 19.05
N PRO A 299 8.70 -14.20 17.82
CA PRO A 299 9.77 -15.09 17.38
C PRO A 299 11.14 -14.91 18.05
N ARG A 300 11.25 -13.91 18.95
CA ARG A 300 12.38 -13.83 19.80
C ARG A 300 12.27 -14.54 21.12
N GLU A 301 11.09 -15.05 21.44
CA GLU A 301 10.94 -15.71 22.77
C GLU A 301 10.87 -17.18 22.55
N PRO A 302 11.55 -17.97 23.37
CA PRO A 302 11.50 -19.41 23.27
C PRO A 302 10.09 -19.99 23.15
N ASN A 303 9.10 -19.51 23.90
CA ASN A 303 7.75 -20.12 23.80
C ASN A 303 6.86 -19.40 22.80
N GLY A 304 7.43 -18.47 22.04
CA GLY A 304 6.71 -17.67 21.10
C GLY A 304 5.60 -16.79 21.64
N LYS A 305 5.45 -16.64 22.96
CA LYS A 305 4.24 -15.96 23.45
C LYS A 305 4.44 -14.45 23.46
N SER A 306 3.34 -13.71 23.36
CA SER A 306 3.40 -12.28 23.31
C SER A 306 2.43 -11.70 24.36
N ASP A 307 2.72 -10.55 24.95
CA ASP A 307 1.80 -9.87 25.86
C ASP A 307 0.90 -8.87 25.15
N ARG A 308 0.77 -8.99 23.85
CA ARG A 308 -0.25 -8.31 23.00
C ARG A 308 -1.55 -9.06 22.91
N GLU A 309 -2.66 -8.35 22.77
CA GLU A 309 -3.95 -8.99 22.63
C GLU A 309 -4.38 -9.09 21.20
N PRO A 310 -5.14 -10.11 20.84
CA PRO A 310 -5.64 -10.24 19.52
C PRO A 310 -6.52 -9.08 19.09
N LEU A 311 -6.31 -8.70 17.83
CA LEU A 311 -6.94 -7.56 17.22
C LEU A 311 -7.51 -8.00 15.91
N SER A 312 -8.81 -7.87 15.69
CA SER A 312 -9.36 -8.18 14.37
C SER A 312 -8.92 -7.18 13.34
N TYR A 313 -8.78 -7.69 12.13
CA TYR A 313 -8.27 -6.82 11.06
C TYR A 313 -9.21 -5.67 10.77
N GLY A 314 -10.51 -5.91 10.79
CA GLY A 314 -11.45 -4.86 10.55
C GLY A 314 -11.37 -3.73 11.59
N ASP A 315 -11.21 -4.09 12.87
CA ASP A 315 -11.03 -3.11 13.90
C ASP A 315 -9.76 -2.27 13.65
N TYR A 316 -8.68 -3.02 13.39
CA TYR A 316 -7.38 -2.41 13.09
C TYR A 316 -7.51 -1.38 11.99
N LEU A 317 -8.11 -1.83 10.86
CA LEU A 317 -8.18 -1.04 9.66
C LEU A 317 -9.04 0.22 9.84
N GLN A 318 -10.26 0.02 10.34
CA GLN A 318 -11.16 1.17 10.45
C GLN A 318 -10.49 2.25 11.33
N ASN A 319 -9.87 1.89 12.42
CA ASN A 319 -9.23 2.82 13.31
C ASN A 319 -7.96 3.32 12.72
N GLY A 320 -7.18 2.55 11.99
CA GLY A 320 -5.98 3.06 11.40
C GLY A 320 -6.16 4.10 10.34
N LEU A 321 -7.11 3.88 9.49
CA LEU A 321 -7.31 4.78 8.34
C LEU A 321 -7.74 6.12 8.91
N VAL A 322 -8.63 6.18 9.87
CA VAL A 322 -8.99 7.47 10.52
C VAL A 322 -7.81 8.10 11.18
N SER A 323 -7.04 7.31 11.92
CA SER A 323 -5.95 7.91 12.61
C SER A 323 -4.91 8.53 11.67
N LEU A 324 -4.60 7.88 10.56
CA LEU A 324 -3.62 8.40 9.66
C LEU A 324 -4.12 9.68 8.99
N ILE A 325 -5.44 9.75 8.68
CA ILE A 325 -6.03 11.04 8.23
C ILE A 325 -5.89 12.12 9.28
N ASN A 326 -6.14 11.82 10.52
CA ASN A 326 -5.98 12.84 11.52
C ASN A 326 -4.56 13.26 11.67
N LYS A 327 -3.60 12.35 11.56
CA LYS A 327 -2.18 12.68 11.80
C LYS A 327 -1.59 13.48 10.63
N ASN A 328 -1.80 12.95 9.41
CA ASN A 328 -1.12 13.49 8.28
C ASN A 328 -2.02 14.13 7.28
N GLY A 329 -3.32 14.21 7.55
CA GLY A 329 -4.24 15.00 6.68
C GLY A 329 -4.97 14.15 5.70
N GLN A 330 -6.11 14.67 5.28
CA GLN A 330 -6.86 13.99 4.25
C GLN A 330 -6.13 14.07 2.90
N THR A 331 -5.88 12.96 2.24
CA THR A 331 -5.20 12.88 0.97
C THR A 331 -6.15 13.05 -0.18
SAQ VAZ B . 3.94 6.15 1.54
CAY VAZ B . 2.47 5.70 0.38
OAJ VAZ B . 2.48 4.62 -0.56
CAZ VAZ B . 1.81 6.75 -0.47
CAU VAZ B . 2.53 7.96 -1.19
OAI VAZ B . 2.11 9.11 -0.77
OAE VAZ B . 3.44 7.80 -2.09
OAP VAZ B . 1.07 7.24 0.68
CAV VAZ B . -0.02 6.55 0.94
OAF VAZ B . -0.58 5.88 0.20
CAX VAZ B . -0.51 6.73 2.36
CAN VAZ B . 0.50 6.32 3.43
SAR VAZ B . 1.14 4.68 3.07
OAG VAZ B . 1.98 5.16 2.14
NAO VAZ B . -1.64 5.87 2.62
CAS VAZ B . -2.86 6.31 2.87
OAC VAZ B . -3.15 7.53 2.74
CAL VAZ B . -3.88 5.27 3.05
CAK VAZ B . -4.77 5.13 1.79
CB VAZ B . -5.79 3.98 2.10
CA VAZ B . -6.91 3.91 1.18
C VAZ B . -7.84 2.79 1.64
OXT VAZ B . -8.98 3.11 1.95
O VAZ B . -7.43 1.63 1.65
N VAZ B . -7.63 5.13 0.95
CAA VAZ B . 5.38 5.62 0.47
CAA VAZ B . 3.75 7.81 0.88
FE FE2 C . 3.49 4.57 3.43
S SO4 D . -6.40 -6.20 -19.29
O1 SO4 D . -7.76 -5.59 -19.10
O2 SO4 D . -6.52 -7.69 -19.00
O3 SO4 D . -6.08 -5.96 -20.77
O4 SO4 D . -5.07 -6.15 -18.39
S SO4 E . -18.09 21.21 6.27
O1 SO4 E . -19.39 20.55 6.48
O2 SO4 E . -17.09 20.67 7.20
O3 SO4 E . -17.69 21.06 4.88
O4 SO4 E . -18.11 22.69 6.53
C1 GOL F . -21.08 -5.63 10.47
O1 GOL F . -22.27 -5.04 10.06
C2 GOL F . -20.71 -4.94 11.72
O2 GOL F . -20.50 -3.55 11.40
C3 GOL F . -19.41 -5.41 12.29
O3 GOL F . -18.72 -4.60 13.25
#